data_7ZWG
#
_entry.id   7ZWG
#
_cell.length_a   58.514
_cell.length_b   45.289
_cell.length_c   62.979
_cell.angle_alpha   90.000
_cell.angle_beta   111.540
_cell.angle_gamma   90.000
#
_symmetry.space_group_name_H-M   'P 1 21 1'
#
loop_
_entity.id
_entity.type
_entity.pdbx_description
1 polymer 'Casein kinase II subunit alpha'
2 non-polymer (5~{Z})-5-(quinolin-6-ylmethylidene)-1,3-thiazolidine-2,4-dione
3 non-polymer '4-(2-HYDROXYETHYL)-1-PIPERAZINE ETHANESULFONIC ACID'
4 non-polymer 'ACETATE ION'
5 non-polymer 'SODIUM ION'
6 water water
#
_entity_poly.entity_id   1
_entity_poly.type   'polypeptide(L)'
_entity_poly.pdbx_seq_one_letter_code
;SGPVPSRARVYTDVNTHRPSEYWDYESHVVEWGNQDDYQLVRKLGRGKYSEVFEAINITNNEKVVVKILKPVAAAKIKRE
IKILENLRGGPNIITLADIVKDPVSRTPALVFEHVNNTDFKQLYQTLTDYDIRFYMYEILKALDYCHSMGIMHRDVKPHN
VMIDHEHRKLRLIDWGLAEFYHPGQEYNVRVASRYFKGPELLVDYQMYDYSLDMWSLGCMLASMIFRKEPFFHGHDNYDQ
LVRIAKVLGTEDLYDYIDKYNIELDPRFNDILGRHSRKRWERFVHSENQHLVSPEALDFLDKLLRYDHQSRLTAREAMEH
PYFYTVVK
;
_entity_poly.pdbx_strand_id   A
#
loop_
_chem_comp.id
_chem_comp.type
_chem_comp.name
_chem_comp.formula
ACT non-polymer 'ACETATE ION' 'C2 H3 O2 -1'
EPE non-polymer '4-(2-HYDROXYETHYL)-1-PIPERAZINE ETHANESULFONIC ACID' 'C8 H18 N2 O4 S'
NA non-polymer 'SODIUM ION' 'Na 1'
R7W non-polymer (5~{Z})-5-(quinolin-6-ylmethylidene)-1,3-thiazolidine-2,4-dione 'C13 H8 N2 O2 S'
#
# COMPACT_ATOMS: atom_id res chain seq x y z
N GLY A 2 8.22 26.99 9.78
CA GLY A 2 8.30 25.77 8.98
C GLY A 2 6.97 25.07 8.76
N PRO A 3 7.00 23.83 8.28
CA PRO A 3 5.76 23.08 8.13
C PRO A 3 5.04 22.89 9.46
N VAL A 4 3.72 22.94 9.40
CA VAL A 4 2.81 22.74 10.54
C VAL A 4 2.75 21.24 10.81
N PRO A 5 2.66 20.79 12.05
CA PRO A 5 2.55 19.36 12.31
C PRO A 5 1.18 18.80 11.98
N SER A 6 1.14 17.48 11.87
CA SER A 6 -0.03 16.69 11.55
C SER A 6 -0.03 15.44 12.42
N ARG A 7 -1.23 14.98 12.77
CA ARG A 7 -1.45 13.72 13.49
C ARG A 7 -2.57 12.94 12.81
N ALA A 8 -2.43 11.61 12.82
CA ALA A 8 -3.53 10.76 12.39
C ALA A 8 -4.76 11.02 13.25
N ARG A 9 -5.92 10.94 12.61
CA ARG A 9 -7.18 11.17 13.30
C ARG A 9 -7.81 9.89 13.83
N VAL A 10 -7.20 8.74 13.54
CA VAL A 10 -7.58 7.45 14.09
C VAL A 10 -6.31 6.74 14.51
N TYR A 11 -6.45 5.84 15.50
CA TYR A 11 -5.33 5.00 15.96
C TYR A 11 -4.10 5.86 16.26
N THR A 12 -4.35 7.05 16.82
CA THR A 12 -3.28 8.04 16.92
C THR A 12 -2.17 7.58 17.86
N ASP A 13 -2.54 7.02 19.00
CA ASP A 13 -1.63 6.78 20.10
C ASP A 13 -1.46 5.30 20.38
N VAL A 14 -1.79 4.44 19.43
CA VAL A 14 -1.82 3.00 19.72
C VAL A 14 -0.44 2.51 20.14
N ASN A 15 0.62 3.01 19.51
CA ASN A 15 1.94 2.52 19.86
C ASN A 15 2.44 3.10 21.17
N THR A 16 2.01 4.33 21.49
CA THR A 16 2.46 4.99 22.70
C THR A 16 2.03 4.23 23.95
N HIS A 17 0.91 3.54 23.90
CA HIS A 17 0.40 2.77 25.02
C HIS A 17 0.96 1.36 25.08
N ARG A 18 1.64 0.90 24.04
CA ARG A 18 2.14 -0.45 24.00
C ARG A 18 3.40 -0.56 24.85
N PRO A 19 3.72 -1.77 25.33
CA PRO A 19 5.08 -2.01 25.82
C PRO A 19 6.05 -1.82 24.67
N SER A 20 7.22 -1.29 24.99
CA SER A 20 8.18 -0.93 23.95
C SER A 20 8.53 -2.12 23.07
N GLU A 21 8.43 -3.35 23.61
CA GLU A 21 8.76 -4.52 22.81
C GLU A 21 7.93 -4.61 21.55
N TYR A 22 6.70 -4.10 21.56
CA TYR A 22 5.83 -4.18 20.39
C TYR A 22 6.42 -3.43 19.20
N TRP A 23 6.89 -2.21 19.43
CA TRP A 23 7.35 -1.35 18.34
C TRP A 23 8.86 -1.14 18.30
N ASP A 24 9.59 -1.50 19.38
CA ASP A 24 11.05 -1.39 19.39
C ASP A 24 11.63 -2.62 18.71
N TYR A 25 11.55 -2.61 17.37
CA TYR A 25 11.99 -3.77 16.60
C TYR A 25 13.48 -4.02 16.71
N GLU A 26 14.26 -2.99 17.02
CA GLU A 26 15.72 -3.21 17.18
C GLU A 26 16.01 -4.17 18.32
N SER A 27 15.22 -4.14 19.36
CA SER A 27 15.44 -5.00 20.51
C SER A 27 14.80 -6.37 20.37
N HIS A 28 14.19 -6.66 19.22
CA HIS A 28 13.53 -7.94 19.03
C HIS A 28 14.56 -9.05 18.83
N VAL A 29 14.35 -10.18 19.51
CA VAL A 29 15.23 -11.33 19.38
C VAL A 29 14.52 -12.37 18.54
N VAL A 30 15.07 -12.66 17.36
CA VAL A 30 14.45 -13.57 16.41
C VAL A 30 14.58 -15.00 16.92
N GLU A 31 13.49 -15.76 16.85
CA GLU A 31 13.52 -17.20 17.07
C GLU A 31 13.66 -17.89 15.74
N TRP A 32 14.76 -18.61 15.54
CA TRP A 32 15.09 -19.18 14.25
C TRP A 32 14.50 -20.57 14.08
N GLY A 33 13.99 -20.85 12.88
CA GLY A 33 13.59 -22.19 12.50
C GLY A 33 14.74 -22.92 11.85
N ASN A 34 14.42 -24.08 11.29
CA ASN A 34 15.41 -24.97 10.68
C ASN A 34 15.36 -24.79 9.16
N GLN A 35 16.45 -24.30 8.59
CA GLN A 35 16.52 -24.08 7.15
C GLN A 35 16.33 -25.36 6.35
N ASP A 36 16.64 -26.53 6.93
CA ASP A 36 16.49 -27.77 6.18
C ASP A 36 15.04 -28.19 6.00
N ASP A 37 14.10 -27.58 6.73
CA ASP A 37 12.68 -27.87 6.51
C ASP A 37 12.20 -27.41 5.14
N TYR A 38 12.96 -26.53 4.48
CA TYR A 38 12.50 -25.86 3.27
C TYR A 38 13.49 -26.14 2.15
N GLN A 39 12.99 -26.72 1.06
CA GLN A 39 13.78 -26.99 -0.13
C GLN A 39 13.34 -26.03 -1.22
N LEU A 40 14.28 -25.23 -1.72
CA LEU A 40 13.96 -24.24 -2.73
C LEU A 40 13.54 -24.92 -4.03
N VAL A 41 12.43 -24.45 -4.60
CA VAL A 41 11.91 -25.01 -5.85
C VAL A 41 12.24 -24.12 -7.04
N ARG A 42 11.73 -22.89 -7.08
CA ARG A 42 12.11 -22.04 -8.19
C ARG A 42 12.28 -20.58 -7.79
N LYS A 43 13.21 -19.92 -8.48
CA LYS A 43 13.37 -18.48 -8.34
C LYS A 43 12.15 -17.78 -8.92
N LEU A 44 11.48 -16.95 -8.11
CA LEU A 44 10.32 -16.20 -8.56
C LEU A 44 10.70 -14.80 -9.04
N GLY A 45 11.70 -14.19 -8.40
CA GLY A 45 12.07 -12.84 -8.76
C GLY A 45 12.96 -12.23 -7.70
N ARG A 46 13.33 -10.98 -7.94
CA ARG A 46 14.24 -10.26 -7.06
C ARG A 46 13.56 -8.98 -6.61
N GLY A 47 13.66 -8.70 -5.31
CA GLY A 47 13.31 -7.40 -4.79
C GLY A 47 14.51 -6.47 -4.82
N LYS A 48 14.27 -5.24 -4.35
CA LYS A 48 15.38 -4.31 -4.22
C LYS A 48 16.36 -4.75 -3.13
N TYR A 49 15.87 -5.44 -2.10
CA TYR A 49 16.70 -5.89 -0.99
C TYR A 49 16.59 -7.39 -0.75
N SER A 50 16.06 -8.16 -1.70
CA SER A 50 15.81 -9.56 -1.44
C SER A 50 15.71 -10.34 -2.76
N GLU A 51 15.73 -11.66 -2.62
CA GLU A 51 15.46 -12.57 -3.72
C GLU A 51 14.40 -13.57 -3.24
N VAL A 52 13.45 -13.90 -4.11
CA VAL A 52 12.26 -14.63 -3.69
C VAL A 52 12.19 -15.94 -4.45
N PHE A 53 11.91 -17.03 -3.72
CA PHE A 53 11.90 -18.38 -4.27
C PHE A 53 10.62 -19.11 -3.90
N GLU A 54 10.09 -19.89 -4.83
CA GLU A 54 9.13 -20.91 -4.48
C GLU A 54 9.87 -22.07 -3.83
N ALA A 55 9.26 -22.67 -2.81
CA ALA A 55 9.90 -23.73 -2.05
C ALA A 55 8.84 -24.70 -1.58
N ILE A 56 9.31 -25.82 -1.04
CA ILE A 56 8.45 -26.82 -0.41
C ILE A 56 8.88 -26.95 1.04
N ASN A 57 7.91 -26.93 1.95
CA ASN A 57 8.12 -27.30 3.35
C ASN A 57 8.07 -28.82 3.40
N ILE A 58 9.23 -29.46 3.50
CA ILE A 58 9.28 -30.92 3.46
C ILE A 58 8.68 -31.59 4.69
N THR A 59 8.39 -30.84 5.75
CA THR A 59 7.76 -31.44 6.93
C THR A 59 6.27 -31.64 6.77
N ASN A 60 5.63 -30.91 5.84
CA ASN A 60 4.23 -31.12 5.53
C ASN A 60 3.96 -31.15 4.03
N ASN A 61 5.00 -31.02 3.21
CA ASN A 61 4.90 -31.02 1.75
C ASN A 61 4.00 -29.91 1.22
N GLU A 62 3.85 -28.83 1.97
CA GLU A 62 3.08 -27.69 1.53
C GLU A 62 3.99 -26.69 0.82
N LYS A 63 3.44 -26.02 -0.18
CA LYS A 63 4.17 -24.97 -0.89
C LYS A 63 4.35 -23.76 0.02
N VAL A 64 5.54 -23.16 -0.04
CA VAL A 64 5.85 -21.91 0.65
C VAL A 64 6.64 -21.02 -0.29
N VAL A 65 6.92 -19.81 0.17
CA VAL A 65 7.75 -18.85 -0.54
C VAL A 65 8.84 -18.39 0.42
N VAL A 66 10.07 -18.32 -0.06
CA VAL A 66 11.20 -17.93 0.76
C VAL A 66 11.76 -16.62 0.21
N LYS A 67 11.83 -15.61 1.07
CA LYS A 67 12.36 -14.30 0.72
C LYS A 67 13.69 -14.15 1.45
N ILE A 68 14.79 -14.28 0.69
CA ILE A 68 16.14 -14.21 1.26
C ILE A 68 16.61 -12.76 1.19
N LEU A 69 16.84 -12.18 2.36
CA LEU A 69 17.13 -10.76 2.43
C LEU A 69 18.60 -10.49 2.14
N LYS A 70 18.87 -9.36 1.50
CA LYS A 70 20.23 -8.97 1.19
C LYS A 70 20.88 -8.32 2.40
N PRO A 71 22.21 -8.36 2.51
CA PRO A 71 22.90 -7.68 3.60
C PRO A 71 23.04 -6.17 3.41
N VAL A 72 22.33 -5.59 2.44
CA VAL A 72 22.39 -4.16 2.16
C VAL A 72 21.26 -3.48 2.90
N ALA A 73 20.60 -4.21 3.79
CA ALA A 73 19.35 -3.72 4.37
C ALA A 73 19.56 -2.55 5.33
N ALA A 74 20.74 -2.42 5.94
CA ALA A 74 21.01 -1.35 6.89
C ALA A 74 20.00 -1.37 8.04
N ALA A 75 19.84 -2.53 8.67
CA ALA A 75 19.03 -2.71 9.89
C ALA A 75 17.54 -2.78 9.62
N LYS A 76 17.11 -2.85 8.37
CA LYS A 76 15.68 -2.82 8.07
C LYS A 76 15.02 -4.19 8.14
N ILE A 77 15.83 -5.25 8.20
CA ILE A 77 15.31 -6.61 8.34
C ILE A 77 14.51 -6.75 9.63
N LYS A 78 15.01 -6.19 10.73
CA LYS A 78 14.36 -6.36 12.02
C LYS A 78 12.96 -5.73 12.02
N ARG A 79 12.80 -4.61 11.31
CA ARG A 79 11.51 -3.93 11.26
C ARG A 79 10.46 -4.78 10.54
N GLU A 80 10.83 -5.32 9.37
CA GLU A 80 9.90 -6.14 8.60
C GLU A 80 9.51 -7.40 9.38
N ILE A 81 10.49 -8.05 10.02
CA ILE A 81 10.20 -9.23 10.82
C ILE A 81 9.23 -8.90 11.95
N LYS A 82 9.51 -7.83 12.70
CA LYS A 82 8.66 -7.50 13.83
C LYS A 82 7.25 -7.14 13.36
N ILE A 83 7.13 -6.37 12.28
CA ILE A 83 5.82 -6.02 11.76
C ILE A 83 5.07 -7.26 11.31
N LEU A 84 5.73 -8.18 10.60
CA LEU A 84 5.08 -9.41 10.18
C LEU A 84 4.60 -10.24 11.37
N GLU A 85 5.40 -10.31 12.44
CA GLU A 85 4.96 -11.07 13.60
C GLU A 85 3.81 -10.37 14.33
N ASN A 86 3.86 -9.04 14.42
CA ASN A 86 2.80 -8.29 15.07
C ASN A 86 1.46 -8.50 14.35
N LEU A 87 1.49 -8.59 13.02
CA LEU A 87 0.27 -8.64 12.23
C LEU A 87 -0.19 -10.05 11.91
N ARG A 88 0.59 -11.07 12.28
CA ARG A 88 0.29 -12.42 11.88
C ARG A 88 -1.10 -12.84 12.36
N GLY A 89 -1.87 -13.45 11.46
CA GLY A 89 -3.23 -13.83 11.76
C GLY A 89 -4.28 -12.80 11.42
N GLY A 90 -3.90 -11.57 11.10
CA GLY A 90 -4.85 -10.55 10.73
C GLY A 90 -5.48 -10.83 9.38
N PRO A 91 -6.68 -10.29 9.16
CA PRO A 91 -7.41 -10.58 7.91
C PRO A 91 -6.63 -10.13 6.69
N ASN A 92 -6.38 -11.09 5.81
CA ASN A 92 -5.77 -10.84 4.51
C ASN A 92 -4.32 -10.35 4.62
N ILE A 93 -3.67 -10.55 5.77
CA ILE A 93 -2.25 -10.28 5.94
C ILE A 93 -1.49 -11.55 5.60
N ILE A 94 -0.45 -11.44 4.77
CA ILE A 94 0.38 -12.61 4.48
C ILE A 94 0.93 -13.17 5.77
N THR A 95 0.95 -14.51 5.87
CA THR A 95 1.38 -15.18 7.09
C THR A 95 2.86 -15.52 6.98
N LEU A 96 3.65 -14.97 7.91
CA LEU A 96 5.03 -15.39 8.08
C LEU A 96 5.04 -16.74 8.80
N ALA A 97 5.43 -17.79 8.08
CA ALA A 97 5.42 -19.13 8.64
C ALA A 97 6.68 -19.43 9.44
N ASP A 98 7.80 -18.83 9.07
CA ASP A 98 9.07 -19.17 9.70
C ASP A 98 10.11 -18.12 9.32
N ILE A 99 11.19 -18.11 10.09
CA ILE A 99 12.38 -17.32 9.79
C ILE A 99 13.56 -18.27 9.95
N VAL A 100 14.37 -18.40 8.91
CA VAL A 100 15.55 -19.25 8.96
C VAL A 100 16.76 -18.44 8.50
N LYS A 101 17.94 -18.94 8.84
CA LYS A 101 19.18 -18.34 8.36
C LYS A 101 19.58 -19.07 7.08
N ASP A 102 19.67 -18.34 5.98
CA ASP A 102 19.96 -18.99 4.70
C ASP A 102 21.40 -19.49 4.68
N PRO A 103 21.64 -20.74 4.30
CA PRO A 103 23.01 -21.27 4.36
C PRO A 103 23.96 -20.66 3.36
N VAL A 104 23.47 -20.10 2.26
CA VAL A 104 24.35 -19.56 1.25
C VAL A 104 24.63 -18.08 1.51
N SER A 105 23.57 -17.28 1.63
CA SER A 105 23.74 -15.85 1.77
C SER A 105 24.11 -15.46 3.20
N ARG A 106 23.65 -16.26 4.17
CA ARG A 106 23.86 -15.99 5.57
C ARG A 106 23.09 -14.84 6.14
N THR A 107 22.01 -14.56 5.51
CA THR A 107 21.15 -13.51 5.97
C THR A 107 19.84 -14.18 6.37
N PRO A 108 18.95 -13.46 7.05
CA PRO A 108 17.64 -14.03 7.36
C PRO A 108 16.86 -14.28 6.08
N ALA A 109 16.11 -15.39 6.10
CA ALA A 109 15.20 -15.74 5.02
C ALA A 109 13.81 -15.88 5.63
N LEU A 110 12.86 -15.10 5.13
CA LEU A 110 11.50 -15.14 5.61
C LEU A 110 10.74 -16.19 4.81
N VAL A 111 9.97 -17.02 5.51
CA VAL A 111 9.18 -18.08 4.90
C VAL A 111 7.71 -17.71 5.03
N PHE A 112 7.03 -17.55 3.89
CA PHE A 112 5.63 -17.16 3.84
C PHE A 112 4.77 -18.29 3.32
N GLU A 113 3.50 -18.28 3.71
CA GLU A 113 2.51 -19.13 3.05
C GLU A 113 2.47 -18.82 1.56
N HIS A 114 2.27 -19.86 0.76
CA HIS A 114 2.19 -19.68 -0.68
C HIS A 114 0.78 -19.26 -1.08
N VAL A 115 0.70 -18.32 -2.01
CA VAL A 115 -0.57 -17.88 -2.60
C VAL A 115 -0.55 -18.24 -4.08
N ASN A 116 -1.53 -19.03 -4.52
CA ASN A 116 -1.68 -19.37 -5.94
C ASN A 116 -2.35 -18.21 -6.66
N ASN A 117 -1.56 -17.16 -6.87
CA ASN A 117 -2.07 -15.91 -7.40
C ASN A 117 -1.88 -15.84 -8.91
N THR A 118 -2.59 -14.90 -9.52
CA THR A 118 -2.09 -14.31 -10.76
C THR A 118 -1.64 -12.87 -10.57
N ASP A 119 -1.42 -12.43 -9.32
CA ASP A 119 -0.58 -11.30 -8.90
C ASP A 119 -1.33 -9.96 -8.79
N PHE A 120 -2.63 -9.91 -9.10
CA PHE A 120 -3.47 -8.72 -9.07
C PHE A 120 -3.25 -7.72 -10.20
N LYS A 121 -2.00 -7.32 -10.44
N LYS A 121 -1.99 -7.33 -10.43
CA LYS A 121 -1.79 -6.44 -11.59
CA LYS A 121 -1.73 -6.43 -11.58
C LYS A 121 -2.12 -7.17 -12.89
C LYS A 121 -2.10 -7.18 -12.87
N GLN A 122 -1.93 -8.49 -12.93
CA GLN A 122 -2.33 -9.27 -14.10
C GLN A 122 -3.85 -9.39 -14.21
N LEU A 123 -4.55 -9.25 -13.09
CA LEU A 123 -5.98 -9.56 -13.00
C LEU A 123 -6.86 -8.32 -12.89
N TYR A 124 -6.37 -7.27 -12.23
CA TYR A 124 -7.23 -6.17 -11.83
C TYR A 124 -7.73 -5.32 -12.98
N GLN A 125 -7.27 -5.59 -14.20
CA GLN A 125 -7.83 -4.95 -15.38
C GLN A 125 -8.86 -5.82 -16.09
N THR A 126 -9.19 -7.00 -15.55
CA THR A 126 -10.17 -7.89 -16.17
C THR A 126 -11.39 -8.17 -15.29
N LEU A 127 -11.49 -7.53 -14.14
CA LEU A 127 -12.51 -7.85 -13.16
C LEU A 127 -13.86 -7.24 -13.54
N THR A 128 -14.92 -7.89 -13.08
CA THR A 128 -16.24 -7.29 -13.19
C THR A 128 -16.41 -6.21 -12.12
N ASP A 129 -17.48 -5.42 -12.27
CA ASP A 129 -17.81 -4.43 -11.26
C ASP A 129 -17.91 -5.07 -9.88
N TYR A 130 -18.61 -6.20 -9.79
CA TYR A 130 -18.79 -6.84 -8.50
C TYR A 130 -17.45 -7.26 -7.91
N ASP A 131 -16.56 -7.79 -8.75
CA ASP A 131 -15.28 -8.28 -8.25
C ASP A 131 -14.37 -7.13 -7.82
N ILE A 132 -14.41 -5.98 -8.50
CA ILE A 132 -13.66 -4.83 -8.02
C ILE A 132 -14.10 -4.47 -6.61
N ARG A 133 -15.42 -4.38 -6.38
CA ARG A 133 -15.93 -4.05 -5.06
C ARG A 133 -15.53 -5.12 -4.06
N PHE A 134 -15.67 -6.39 -4.43
CA PHE A 134 -15.36 -7.48 -3.53
C PHE A 134 -13.90 -7.44 -3.08
N TYR A 135 -12.98 -7.32 -4.03
CA TYR A 135 -11.57 -7.34 -3.67
C TYR A 135 -11.13 -6.06 -2.98
N MET A 136 -11.70 -4.91 -3.35
CA MET A 136 -11.41 -3.69 -2.63
C MET A 136 -11.80 -3.81 -1.17
N TYR A 137 -12.94 -4.43 -0.88
CA TYR A 137 -13.34 -4.63 0.50
C TYR A 137 -12.35 -5.53 1.23
N GLU A 138 -11.86 -6.57 0.55
CA GLU A 138 -10.86 -7.46 1.16
C GLU A 138 -9.55 -6.71 1.46
N ILE A 139 -9.12 -5.83 0.55
CA ILE A 139 -7.91 -5.05 0.81
C ILE A 139 -8.12 -4.14 2.00
N LEU A 140 -9.33 -3.57 2.11
CA LEU A 140 -9.61 -2.66 3.22
C LEU A 140 -9.56 -3.39 4.55
N LYS A 141 -9.96 -4.66 4.59
CA LYS A 141 -9.82 -5.42 5.84
C LYS A 141 -8.37 -5.46 6.29
N ALA A 142 -7.46 -5.66 5.34
CA ALA A 142 -6.04 -5.72 5.68
C ALA A 142 -5.53 -4.38 6.15
N LEU A 143 -5.90 -3.31 5.45
CA LEU A 143 -5.42 -1.99 5.81
C LEU A 143 -5.99 -1.53 7.14
N ASP A 144 -7.28 -1.74 7.39
CA ASP A 144 -7.76 -1.34 8.71
C ASP A 144 -7.08 -2.15 9.80
N TYR A 145 -6.82 -3.42 9.54
CA TYR A 145 -6.14 -4.20 10.57
C TYR A 145 -4.76 -3.64 10.86
N CYS A 146 -3.93 -3.44 9.83
CA CYS A 146 -2.58 -2.96 10.12
C CYS A 146 -2.60 -1.55 10.73
N HIS A 147 -3.45 -0.66 10.22
CA HIS A 147 -3.56 0.66 10.83
C HIS A 147 -3.98 0.57 12.29
N SER A 148 -4.96 -0.28 12.61
CA SER A 148 -5.40 -0.40 14.00
C SER A 148 -4.32 -0.99 14.88
N MET A 149 -3.34 -1.64 14.28
CA MET A 149 -2.20 -2.19 14.99
C MET A 149 -1.03 -1.23 14.95
N GLY A 150 -1.24 0.00 14.53
CA GLY A 150 -0.19 1.00 14.59
C GLY A 150 0.81 0.96 13.47
N ILE A 151 0.47 0.39 12.33
CA ILE A 151 1.44 0.15 11.25
C ILE A 151 0.88 0.71 9.95
N MET A 152 1.71 1.44 9.22
CA MET A 152 1.38 1.85 7.86
C MET A 152 2.20 1.01 6.89
N HIS A 153 1.55 0.58 5.82
CA HIS A 153 2.20 -0.31 4.87
C HIS A 153 3.23 0.44 4.00
N ARG A 154 2.82 1.59 3.45
CA ARG A 154 3.68 2.50 2.69
C ARG A 154 4.12 1.97 1.32
N ASP A 155 3.56 0.85 0.86
CA ASP A 155 3.88 0.39 -0.48
C ASP A 155 2.66 -0.30 -1.08
N VAL A 156 1.48 0.27 -0.89
CA VAL A 156 0.28 -0.32 -1.47
C VAL A 156 0.30 -0.12 -2.98
N LYS A 157 0.19 -1.21 -3.72
CA LYS A 157 0.19 -1.19 -5.18
C LYS A 157 -0.25 -2.57 -5.65
N PRO A 158 -0.66 -2.69 -6.92
CA PRO A 158 -1.18 -3.98 -7.39
C PRO A 158 -0.21 -5.13 -7.21
N HIS A 159 1.09 -4.93 -7.44
CA HIS A 159 2.05 -6.02 -7.27
C HIS A 159 2.09 -6.56 -5.85
N ASN A 160 1.72 -5.76 -4.86
CA ASN A 160 1.81 -6.19 -3.47
C ASN A 160 0.50 -6.75 -2.95
N VAL A 161 -0.45 -7.03 -3.82
CA VAL A 161 -1.68 -7.71 -3.44
C VAL A 161 -1.72 -9.01 -4.22
N MET A 162 -1.61 -10.13 -3.51
CA MET A 162 -1.66 -11.44 -4.15
C MET A 162 -3.09 -11.92 -4.15
N ILE A 163 -3.61 -12.27 -5.33
CA ILE A 163 -4.99 -12.71 -5.48
C ILE A 163 -5.06 -14.09 -6.09
N ASP A 164 -5.57 -15.03 -5.31
CA ASP A 164 -5.98 -16.34 -5.82
C ASP A 164 -7.41 -16.17 -6.33
N HIS A 165 -7.55 -15.88 -7.62
CA HIS A 165 -8.87 -15.56 -8.17
C HIS A 165 -9.75 -16.78 -8.23
N GLU A 166 -9.17 -17.97 -8.40
CA GLU A 166 -9.96 -19.19 -8.41
C GLU A 166 -10.66 -19.39 -7.08
N HIS A 167 -9.95 -19.16 -5.97
CA HIS A 167 -10.50 -19.31 -4.64
C HIS A 167 -10.93 -17.99 -4.01
N ARG A 168 -10.81 -16.88 -4.73
CA ARG A 168 -11.31 -15.58 -4.28
C ARG A 168 -10.72 -15.18 -2.94
N LYS A 169 -9.40 -15.35 -2.84
CA LYS A 169 -8.64 -15.04 -1.65
C LYS A 169 -7.56 -14.02 -2.01
N LEU A 170 -7.23 -13.16 -1.05
CA LEU A 170 -6.33 -12.04 -1.28
C LEU A 170 -5.39 -11.90 -0.08
N ARG A 171 -4.13 -11.56 -0.35
CA ARG A 171 -3.17 -11.29 0.72
C ARG A 171 -2.35 -10.05 0.39
N LEU A 172 -2.19 -9.17 1.37
CA LEU A 172 -1.31 -8.02 1.26
C LEU A 172 0.10 -8.45 1.66
N ILE A 173 1.05 -8.23 0.76
CA ILE A 173 2.43 -8.71 0.94
C ILE A 173 3.43 -7.56 0.92
N ASP A 174 4.71 -7.93 1.03
N ASP A 174 4.71 -7.93 1.01
CA ASP A 174 5.86 -7.03 1.03
CA ASP A 174 5.85 -7.02 1.02
C ASP A 174 5.74 -5.90 2.05
C ASP A 174 5.72 -5.91 2.05
N TRP A 175 5.99 -6.27 3.30
CA TRP A 175 5.98 -5.35 4.42
C TRP A 175 7.35 -4.71 4.67
N GLY A 176 8.25 -4.77 3.69
CA GLY A 176 9.60 -4.26 3.84
C GLY A 176 9.73 -2.75 3.90
N LEU A 177 8.69 -2.01 3.48
CA LEU A 177 8.67 -0.56 3.66
C LEU A 177 7.76 -0.12 4.80
N ALA A 178 7.06 -1.06 5.44
CA ALA A 178 6.08 -0.72 6.46
C ALA A 178 6.78 -0.13 7.69
N GLU A 179 6.03 0.67 8.45
CA GLU A 179 6.62 1.38 9.59
C GLU A 179 5.57 1.55 10.67
N PHE A 180 6.06 1.66 11.91
CA PHE A 180 5.20 1.98 13.04
C PHE A 180 4.86 3.46 13.03
N TYR A 181 3.59 3.77 13.24
CA TYR A 181 3.14 5.17 13.31
C TYR A 181 3.32 5.68 14.73
N HIS A 182 4.07 6.77 14.87
CA HIS A 182 4.28 7.43 16.14
C HIS A 182 3.87 8.87 15.95
N PRO A 183 2.91 9.38 16.71
CA PRO A 183 2.43 10.75 16.48
C PRO A 183 3.58 11.75 16.60
N GLY A 184 3.67 12.64 15.62
CA GLY A 184 4.70 13.66 15.58
C GLY A 184 5.98 13.25 14.91
N GLN A 185 6.13 11.99 14.55
CA GLN A 185 7.37 11.53 13.92
C GLN A 185 7.44 11.96 12.47
N GLU A 186 8.62 12.38 12.05
CA GLU A 186 8.87 12.70 10.65
C GLU A 186 9.46 11.49 9.95
N TYR A 187 8.87 11.11 8.83
CA TYR A 187 9.22 9.88 8.13
C TYR A 187 9.91 10.21 6.81
N ASN A 188 10.62 9.21 6.29
CA ASN A 188 11.22 9.33 4.97
C ASN A 188 10.12 9.36 3.92
N VAL A 189 10.18 10.33 3.01
CA VAL A 189 9.19 10.38 1.93
C VAL A 189 9.54 9.49 0.75
N ARG A 190 10.73 8.87 0.74
CA ARG A 190 11.13 7.98 -0.35
C ARG A 190 10.56 6.58 -0.10
N VAL A 191 9.23 6.50 -0.14
CA VAL A 191 8.49 5.25 0.05
C VAL A 191 7.41 5.21 -1.02
N ALA A 192 6.78 4.04 -1.15
CA ALA A 192 5.78 3.76 -2.18
C ALA A 192 6.37 3.81 -3.58
N SER A 193 5.64 3.28 -4.55
N SER A 193 5.65 3.24 -4.54
CA SER A 193 6.06 3.33 -5.94
CA SER A 193 6.01 3.33 -5.94
C SER A 193 5.44 4.54 -6.62
C SER A 193 5.50 4.65 -6.52
N ARG A 194 6.18 5.12 -7.58
CA ARG A 194 5.86 6.43 -8.16
C ARG A 194 4.38 6.67 -8.39
N TYR A 195 3.70 5.75 -9.08
CA TYR A 195 2.34 6.00 -9.48
C TYR A 195 1.37 6.00 -8.30
N PHE A 196 1.80 5.50 -7.15
CA PHE A 196 0.97 5.34 -5.95
C PHE A 196 1.41 6.26 -4.83
N LYS A 197 2.35 7.17 -5.10
CA LYS A 197 2.83 8.08 -4.08
C LYS A 197 1.79 9.16 -3.81
N GLY A 198 1.48 9.39 -2.52
CA GLY A 198 0.58 10.44 -2.13
C GLY A 198 1.20 11.82 -2.31
N PRO A 199 0.34 12.83 -2.48
CA PRO A 199 0.83 14.21 -2.58
C PRO A 199 1.75 14.60 -1.43
N GLU A 200 1.54 14.08 -0.23
CA GLU A 200 2.42 14.41 0.88
C GLU A 200 3.87 13.99 0.59
N LEU A 201 4.06 12.85 -0.06
CA LEU A 201 5.42 12.45 -0.42
C LEU A 201 5.99 13.34 -1.51
N LEU A 202 5.16 13.68 -2.50
CA LEU A 202 5.64 14.42 -3.66
C LEU A 202 5.97 15.87 -3.33
N VAL A 203 5.35 16.44 -2.29
CA VAL A 203 5.66 17.79 -1.84
C VAL A 203 6.61 17.78 -0.65
N ASP A 204 7.12 16.62 -0.26
CA ASP A 204 8.13 16.50 0.79
C ASP A 204 7.59 16.92 2.16
N TYR A 205 6.41 16.43 2.51
CA TYR A 205 5.84 16.62 3.83
C TYR A 205 6.02 15.33 4.62
N GLN A 206 6.83 15.37 5.68
CA GLN A 206 7.31 14.16 6.33
C GLN A 206 6.40 13.64 7.45
N MET A 207 5.48 14.45 7.98
CA MET A 207 4.69 14.02 9.13
C MET A 207 3.38 13.36 8.69
N TYR A 208 3.50 12.33 7.86
CA TYR A 208 2.36 11.63 7.28
C TYR A 208 1.94 10.44 8.15
N ASP A 209 0.90 9.73 7.72
CA ASP A 209 0.34 8.69 8.58
C ASP A 209 -0.32 7.61 7.72
N TYR A 210 -1.15 6.79 8.35
CA TYR A 210 -1.87 5.70 7.68
C TYR A 210 -2.59 6.16 6.43
N SER A 211 -3.01 7.42 6.38
CA SER A 211 -3.77 7.94 5.25
C SER A 211 -2.98 7.90 3.93
N LEU A 212 -1.65 7.77 3.99
CA LEU A 212 -0.88 7.54 2.77
C LEU A 212 -1.37 6.30 2.05
N ASP A 213 -1.64 5.23 2.78
CA ASP A 213 -2.09 3.98 2.18
C ASP A 213 -3.44 4.16 1.51
N MET A 214 -4.27 5.07 2.01
CA MET A 214 -5.59 5.28 1.43
C MET A 214 -5.51 6.05 0.11
N TRP A 215 -4.52 6.93 -0.03
CA TRP A 215 -4.26 7.50 -1.35
C TRP A 215 -3.85 6.42 -2.34
N SER A 216 -2.88 5.58 -1.96
CA SER A 216 -2.43 4.53 -2.87
C SER A 216 -3.60 3.63 -3.27
N LEU A 217 -4.45 3.28 -2.30
CA LEU A 217 -5.63 2.48 -2.60
C LEU A 217 -6.53 3.20 -3.60
N GLY A 218 -6.72 4.51 -3.43
CA GLY A 218 -7.52 5.26 -4.38
C GLY A 218 -6.94 5.21 -5.79
N CYS A 219 -5.62 5.23 -5.91
CA CYS A 219 -4.98 5.15 -7.22
C CYS A 219 -5.26 3.80 -7.86
N MET A 220 -5.25 2.74 -7.04
CA MET A 220 -5.62 1.41 -7.55
C MET A 220 -7.07 1.40 -8.02
N LEU A 221 -7.97 1.93 -7.20
CA LEU A 221 -9.38 1.94 -7.56
C LEU A 221 -9.61 2.68 -8.87
N ALA A 222 -8.99 3.86 -9.02
CA ALA A 222 -9.16 4.63 -10.25
C ALA A 222 -8.68 3.83 -11.46
N SER A 223 -7.56 3.11 -11.32
N SER A 223 -7.56 3.13 -11.33
CA SER A 223 -7.04 2.33 -12.43
CA SER A 223 -7.05 2.33 -12.44
C SER A 223 -8.01 1.21 -12.80
C SER A 223 -8.05 1.23 -12.81
N MET A 224 -8.69 0.64 -11.81
CA MET A 224 -9.62 -0.46 -12.08
C MET A 224 -10.93 0.02 -12.68
N ILE A 225 -11.55 1.04 -12.10
CA ILE A 225 -12.87 1.42 -12.61
C ILE A 225 -12.78 2.16 -13.94
N PHE A 226 -11.65 2.81 -14.22
CA PHE A 226 -11.50 3.54 -15.47
C PHE A 226 -10.68 2.79 -16.50
N ARG A 227 -10.14 1.62 -16.14
CA ARG A 227 -9.33 0.83 -17.08
C ARG A 227 -8.17 1.67 -17.62
N LYS A 228 -7.45 2.32 -16.70
CA LYS A 228 -6.35 3.20 -17.06
C LYS A 228 -5.16 2.85 -16.17
N GLU A 229 -4.15 2.27 -16.77
CA GLU A 229 -2.98 1.83 -16.02
C GLU A 229 -1.80 2.68 -16.45
N PRO A 230 -1.14 3.38 -15.52
CA PRO A 230 -1.71 3.68 -14.21
C PRO A 230 -2.63 4.87 -14.37
N PHE A 231 -3.34 5.25 -13.29
CA PHE A 231 -4.24 6.37 -13.46
C PHE A 231 -3.49 7.70 -13.56
N PHE A 232 -2.52 7.91 -12.66
CA PHE A 232 -1.67 9.10 -12.67
C PHE A 232 -0.32 8.67 -13.23
N HIS A 233 -0.05 9.04 -14.48
CA HIS A 233 1.06 8.44 -15.23
C HIS A 233 2.23 9.41 -15.32
N GLY A 234 2.88 9.64 -14.18
CA GLY A 234 3.99 10.59 -14.13
C GLY A 234 5.26 10.01 -14.73
N HIS A 235 6.01 10.89 -15.40
CA HIS A 235 7.28 10.45 -15.97
C HIS A 235 8.38 10.38 -14.92
N ASP A 236 8.28 11.18 -13.86
CA ASP A 236 9.16 11.13 -12.70
C ASP A 236 8.36 11.65 -11.50
N ASN A 237 9.03 11.81 -10.35
CA ASN A 237 8.31 12.26 -9.15
C ASN A 237 7.77 13.67 -9.30
N TYR A 238 8.43 14.53 -10.08
CA TYR A 238 7.89 15.87 -10.29
C TYR A 238 6.65 15.81 -11.17
N ASP A 239 6.76 15.16 -12.33
CA ASP A 239 5.64 15.08 -13.25
C ASP A 239 4.47 14.33 -12.63
N GLN A 240 4.75 13.45 -11.67
CA GLN A 240 3.70 12.75 -10.97
C GLN A 240 2.72 13.72 -10.31
N LEU A 241 3.25 14.76 -9.64
CA LEU A 241 2.35 15.72 -9.03
C LEU A 241 1.59 16.52 -10.09
N VAL A 242 2.24 16.82 -11.22
CA VAL A 242 1.56 17.50 -12.31
C VAL A 242 0.40 16.67 -12.84
N ARG A 243 0.61 15.36 -12.99
CA ARG A 243 -0.47 14.48 -13.46
C ARG A 243 -1.64 14.50 -12.49
N ILE A 244 -1.35 14.51 -11.19
CA ILE A 244 -2.43 14.60 -10.20
C ILE A 244 -3.13 15.94 -10.31
N ALA A 245 -2.37 17.03 -10.44
CA ALA A 245 -2.96 18.35 -10.52
C ALA A 245 -3.87 18.52 -11.74
N LYS A 246 -3.56 17.83 -12.85
N LYS A 246 -3.56 17.83 -12.85
CA LYS A 246 -4.42 17.89 -14.03
CA LYS A 246 -4.43 17.90 -14.03
C LYS A 246 -5.79 17.28 -13.79
C LYS A 246 -5.80 17.30 -13.78
N VAL A 247 -5.93 16.46 -12.76
CA VAL A 247 -7.21 15.85 -12.40
C VAL A 247 -7.87 16.59 -11.24
N LEU A 248 -7.12 16.83 -10.17
CA LEU A 248 -7.69 17.40 -8.95
C LEU A 248 -7.63 18.92 -8.93
N GLY A 249 -6.92 19.53 -9.86
CA GLY A 249 -6.82 20.99 -9.87
C GLY A 249 -5.66 21.51 -9.04
N THR A 250 -5.17 22.71 -9.40
CA THR A 250 -4.08 23.32 -8.65
C THR A 250 -4.51 24.17 -7.47
N GLU A 251 -5.71 24.76 -7.47
CA GLU A 251 -6.02 25.64 -6.35
C GLU A 251 -6.18 24.83 -5.04
N ASP A 252 -6.73 23.59 -5.08
CA ASP A 252 -6.75 22.73 -3.88
C ASP A 252 -5.34 22.29 -3.47
N LEU A 253 -4.46 22.08 -4.44
CA LEU A 253 -3.08 21.76 -4.13
C LEU A 253 -2.43 22.92 -3.39
N TYR A 254 -2.61 24.13 -3.91
CA TYR A 254 -2.04 25.28 -3.22
C TYR A 254 -2.67 25.49 -1.85
N ASP A 255 -3.95 25.15 -1.68
CA ASP A 255 -4.56 25.27 -0.36
C ASP A 255 -3.99 24.24 0.61
N TYR A 256 -3.73 23.03 0.13
CA TYR A 256 -3.07 22.00 0.93
C TYR A 256 -1.70 22.48 1.39
N ILE A 257 -0.90 22.99 0.45
CA ILE A 257 0.44 23.51 0.75
C ILE A 257 0.35 24.65 1.76
N ASP A 258 -0.63 25.52 1.59
CA ASP A 258 -0.82 26.63 2.53
C ASP A 258 -1.17 26.12 3.91
N LYS A 259 -2.13 25.19 3.99
CA LYS A 259 -2.60 24.71 5.29
C LYS A 259 -1.46 24.11 6.11
N TYR A 260 -0.64 23.28 5.48
CA TYR A 260 0.44 22.62 6.22
C TYR A 260 1.73 23.43 6.21
N ASN A 261 1.69 24.63 5.66
CA ASN A 261 2.84 25.55 5.65
C ASN A 261 4.04 24.91 4.96
N ILE A 262 3.78 24.23 3.85
CA ILE A 262 4.81 23.51 3.11
C ILE A 262 5.52 24.48 2.18
N GLU A 263 6.83 24.32 2.07
CA GLU A 263 7.64 25.06 1.10
C GLU A 263 7.72 24.20 -0.17
N LEU A 264 6.94 24.58 -1.18
CA LEU A 264 6.89 23.78 -2.41
C LEU A 264 8.21 23.93 -3.16
N ASP A 265 8.79 22.81 -3.58
CA ASP A 265 10.02 22.82 -4.37
C ASP A 265 9.87 23.79 -5.53
N PRO A 266 10.78 24.76 -5.69
CA PRO A 266 10.61 25.78 -6.74
C PRO A 266 10.58 25.17 -8.13
N ARG A 267 11.01 23.91 -8.24
CA ARG A 267 10.98 23.30 -9.55
C ARG A 267 9.55 23.22 -10.07
N PHE A 268 8.57 23.06 -9.17
CA PHE A 268 7.18 22.96 -9.58
C PHE A 268 6.64 24.23 -10.22
N ASN A 269 7.27 25.38 -9.95
CA ASN A 269 6.79 26.64 -10.51
C ASN A 269 6.75 26.63 -12.03
N ASP A 270 7.69 25.92 -12.66
CA ASP A 270 7.75 25.93 -14.11
C ASP A 270 6.99 24.80 -14.77
N ILE A 271 6.42 23.86 -14.00
CA ILE A 271 5.75 22.71 -14.58
C ILE A 271 4.31 22.53 -14.14
N LEU A 272 3.90 23.07 -12.99
CA LEU A 272 2.57 22.77 -12.46
C LEU A 272 1.47 23.43 -13.28
N GLY A 273 1.68 24.66 -13.74
CA GLY A 273 0.62 25.33 -14.47
C GLY A 273 -0.56 25.67 -13.58
N ARG A 274 -1.70 25.90 -14.24
CA ARG A 274 -2.97 26.16 -13.58
C ARG A 274 -4.00 25.20 -14.13
N HIS A 275 -4.66 24.45 -13.25
CA HIS A 275 -5.62 23.44 -13.67
C HIS A 275 -6.82 23.49 -12.76
N SER A 276 -8.00 23.24 -13.32
CA SER A 276 -9.21 23.12 -12.52
C SER A 276 -9.55 21.64 -12.41
N ARG A 277 -10.13 21.25 -11.28
CA ARG A 277 -10.58 19.88 -11.10
C ARG A 277 -11.47 19.45 -12.25
N LYS A 278 -11.24 18.23 -12.73
CA LYS A 278 -12.11 17.63 -13.72
C LYS A 278 -13.16 16.81 -12.98
N ARG A 279 -14.40 16.88 -13.43
CA ARG A 279 -15.41 16.00 -12.87
C ARG A 279 -15.12 14.57 -13.29
N TRP A 280 -15.43 13.63 -12.40
CA TRP A 280 -15.00 12.24 -12.63
C TRP A 280 -15.61 11.66 -13.89
N GLU A 281 -16.75 12.18 -14.32
CA GLU A 281 -17.38 11.68 -15.53
C GLU A 281 -16.51 11.89 -16.77
N ARG A 282 -15.52 12.77 -16.70
CA ARG A 282 -14.62 12.99 -17.84
C ARG A 282 -13.82 11.74 -18.18
N PHE A 283 -13.65 10.82 -17.24
CA PHE A 283 -12.83 9.63 -17.44
C PHE A 283 -13.64 8.41 -17.81
N VAL A 284 -14.95 8.54 -17.90
CA VAL A 284 -15.85 7.46 -18.28
C VAL A 284 -15.93 7.38 -19.80
N HIS A 285 -15.86 6.16 -20.31
CA HIS A 285 -15.99 5.94 -21.75
C HIS A 285 -16.67 4.58 -21.97
N SER A 286 -16.88 4.23 -23.24
N SER A 286 -16.87 4.22 -23.24
CA SER A 286 -17.70 3.06 -23.52
CA SER A 286 -17.68 3.06 -23.55
C SER A 286 -17.07 1.77 -22.99
C SER A 286 -17.07 1.78 -23.00
N GLU A 287 -15.74 1.74 -22.87
CA GLU A 287 -15.07 0.52 -22.43
C GLU A 287 -15.05 0.35 -20.92
N ASN A 288 -15.23 1.42 -20.14
CA ASN A 288 -15.20 1.31 -18.69
C ASN A 288 -16.53 1.63 -18.02
N GLN A 289 -17.54 2.05 -18.77
N GLN A 289 -17.55 2.04 -18.79
CA GLN A 289 -18.75 2.57 -18.13
CA GLN A 289 -18.78 2.55 -18.20
C GLN A 289 -19.51 1.52 -17.32
C GLN A 289 -19.47 1.52 -17.30
N HIS A 290 -19.34 0.24 -17.62
CA HIS A 290 -19.97 -0.81 -16.82
C HIS A 290 -19.34 -0.94 -15.44
N LEU A 291 -18.15 -0.37 -15.21
CA LEU A 291 -17.46 -0.43 -13.92
C LEU A 291 -17.71 0.81 -13.08
N VAL A 292 -18.39 1.79 -13.63
CA VAL A 292 -18.58 3.09 -13.00
C VAL A 292 -20.04 3.18 -12.58
N SER A 293 -20.24 3.68 -11.37
CA SER A 293 -21.54 3.94 -10.79
C SER A 293 -21.40 5.23 -9.98
N PRO A 294 -22.50 5.88 -9.64
CA PRO A 294 -22.39 7.07 -8.76
C PRO A 294 -21.69 6.74 -7.47
N GLU A 295 -21.93 5.54 -6.92
CA GLU A 295 -21.27 5.14 -5.68
C GLU A 295 -19.76 5.01 -5.87
N ALA A 296 -19.33 4.40 -6.98
CA ALA A 296 -17.90 4.26 -7.23
C ALA A 296 -17.21 5.61 -7.33
N LEU A 297 -17.85 6.56 -8.01
CA LEU A 297 -17.23 7.87 -8.19
C LEU A 297 -17.19 8.64 -6.88
N ASP A 298 -18.25 8.55 -6.09
CA ASP A 298 -18.23 9.24 -4.80
C ASP A 298 -17.16 8.66 -3.89
N PHE A 299 -17.03 7.34 -3.90
CA PHE A 299 -16.02 6.69 -3.07
C PHE A 299 -14.61 7.09 -3.50
N LEU A 300 -14.31 7.01 -4.80
CA LEU A 300 -13.01 7.44 -5.30
C LEU A 300 -12.75 8.90 -4.95
N ASP A 301 -13.75 9.74 -5.13
CA ASP A 301 -13.59 11.17 -4.83
C ASP A 301 -13.14 11.41 -3.40
N LYS A 302 -13.57 10.54 -2.48
CA LYS A 302 -13.28 10.70 -1.06
C LYS A 302 -11.98 10.05 -0.64
N LEU A 303 -11.36 9.25 -1.51
CA LEU A 303 -10.01 8.75 -1.30
C LEU A 303 -8.96 9.68 -1.89
N LEU A 304 -9.18 10.15 -3.11
CA LEU A 304 -8.17 10.93 -3.82
C LEU A 304 -8.30 12.42 -3.48
N ARG A 305 -7.87 12.75 -2.27
CA ARG A 305 -7.84 14.14 -1.82
C ARG A 305 -6.42 14.52 -1.48
N TYR A 306 -6.04 15.75 -1.82
CA TYR A 306 -4.70 16.21 -1.44
C TYR A 306 -4.51 16.14 0.06
N ASP A 307 -5.47 16.66 0.84
CA ASP A 307 -5.30 16.75 2.28
C ASP A 307 -5.43 15.36 2.88
N HIS A 308 -4.32 14.83 3.39
CA HIS A 308 -4.31 13.48 3.93
C HIS A 308 -5.27 13.34 5.10
N GLN A 309 -5.56 14.44 5.82
CA GLN A 309 -6.50 14.37 6.94
C GLN A 309 -7.94 14.33 6.49
N SER A 310 -8.22 14.56 5.20
N SER A 310 -8.23 14.55 5.21
CA SER A 310 -9.59 14.57 4.70
CA SER A 310 -9.59 14.56 4.72
C SER A 310 -9.99 13.26 4.03
C SER A 310 -9.98 13.27 4.00
N ARG A 311 -9.04 12.39 3.70
CA ARG A 311 -9.35 11.15 3.01
C ARG A 311 -10.09 10.20 3.94
N LEU A 312 -10.93 9.35 3.36
CA LEU A 312 -11.55 8.30 4.15
C LEU A 312 -10.50 7.45 4.84
N THR A 313 -10.72 7.12 6.11
CA THR A 313 -9.95 6.05 6.72
C THR A 313 -10.42 4.72 6.19
N ALA A 314 -9.66 3.67 6.49
CA ALA A 314 -10.06 2.34 6.04
C ALA A 314 -11.44 1.96 6.57
N ARG A 315 -11.74 2.25 7.83
CA ARG A 315 -13.07 1.93 8.35
C ARG A 315 -14.15 2.81 7.71
N GLU A 316 -13.89 4.10 7.55
CA GLU A 316 -14.87 4.93 6.85
C GLU A 316 -15.12 4.40 5.44
N ALA A 317 -14.05 3.98 4.76
CA ALA A 317 -14.23 3.43 3.42
C ALA A 317 -15.12 2.21 3.42
N MET A 318 -14.96 1.32 4.42
CA MET A 318 -15.77 0.12 4.46
C MET A 318 -17.24 0.40 4.69
N GLU A 319 -17.57 1.58 5.22
CA GLU A 319 -18.94 2.00 5.43
C GLU A 319 -19.57 2.57 4.17
N HIS A 320 -18.80 2.75 3.11
CA HIS A 320 -19.30 3.51 1.97
C HIS A 320 -20.38 2.74 1.20
N PRO A 321 -21.40 3.42 0.67
CA PRO A 321 -22.43 2.74 -0.14
C PRO A 321 -21.91 1.90 -1.29
N TYR A 322 -20.75 2.13 -1.83
CA TYR A 322 -20.15 1.31 -2.91
C TYR A 322 -20.14 -0.16 -2.48
N PHE A 323 -19.97 -0.43 -1.19
CA PHE A 323 -19.87 -1.81 -0.69
C PHE A 323 -21.21 -2.38 -0.26
N TYR A 324 -22.31 -1.64 -0.39
CA TYR A 324 -23.62 -2.21 0.02
C TYR A 324 -24.00 -3.43 -0.86
N THR A 325 -23.53 -3.44 -2.12
CA THR A 325 -23.79 -4.52 -3.08
C THR A 325 -23.00 -5.78 -2.75
N VAL A 326 -21.91 -5.66 -2.01
CA VAL A 326 -21.06 -6.84 -1.72
C VAL A 326 -21.61 -7.64 -0.54
N VAL A 327 -21.80 -8.93 -0.74
CA VAL A 327 -22.30 -9.80 0.35
C VAL A 327 -21.30 -9.80 1.50
N LYS A 328 -21.83 -9.56 2.68
CA LYS A 328 -21.08 -9.62 3.95
C LYS A 328 -21.66 -10.82 4.70
C6 R7W B . 3.33 -15.45 -1.09
C7 R7W B . 3.64 -15.67 -2.45
C8 R7W B . 3.34 -16.89 -4.38
C10 R7W B . 4.87 -15.09 -4.44
N R7W B . 7.71 -9.72 -0.04
C R7W B . 8.21 -10.01 -1.26
O R7W B . 9.09 -9.38 -1.85
C1 R7W B . 6.72 -10.52 0.46
C11 R7W B . 4.57 -14.84 -3.09
C12 R7W B . 5.16 -13.79 -2.34
C2 R7W B . 6.38 -11.58 -0.52
C3 R7W B . 5.41 -12.46 -0.24
C4 R7W B . 4.84 -13.57 -1.02
C5 R7W B . 3.92 -14.43 -0.40
C9 R7W B . 4.25 -16.12 -5.08
N1 R7W B . 3.01 -16.71 -3.11
O1 R7W B . 6.17 -10.37 1.55
S R7W B . 7.38 -11.44 -1.92
N1 EPE C . -16.37 12.83 8.70
C2 EPE C . -16.44 12.69 7.24
C3 EPE C . -15.34 11.79 6.70
N4 EPE C . -14.04 11.98 7.33
C5 EPE C . -13.90 12.67 8.61
C6 EPE C . -15.11 13.43 9.13
C7 EPE C . -12.89 11.97 6.45
C8 EPE C . -11.54 12.02 7.16
O8 EPE C . -11.44 10.94 8.06
C9 EPE C . -17.50 13.62 9.22
C10 EPE C . -18.79 12.91 8.85
S EPE C . -20.08 13.11 10.09
O1S EPE C . -19.69 14.09 11.11
O2S EPE C . -21.30 13.54 9.42
O3S EPE C . -20.30 11.81 10.73
C ACT D . 16.67 -21.40 2.65
O ACT D . 16.84 -20.17 2.86
OXT ACT D . 17.45 -22.23 2.10
CH3 ACT D . 15.31 -21.99 3.13
NA NA E . -21.29 -5.13 1.97
#